data_9ARP
#
_entry.id   9ARP
#
_cell.length_a   45.637
_cell.length_b   45.637
_cell.length_c   401.995
_cell.angle_alpha   90.000
_cell.angle_beta   90.000
_cell.angle_gamma   120.000
#
_symmetry.space_group_name_H-M   'H 3 2'
#
loop_
_entity.id
_entity.type
_entity.pdbx_description
1 polymer 'Transmembrane protein gp41'
2 water water
#
_entity_poly.entity_id   1
_entity_poly.type   'polypeptide(L)'
_entity_poly.pdbx_seq_one_letter_code
;PEYTSRIESLIREAQNQQEKNEQALRELDSGGGRQLLSGIVQQQNNLLRAIEAQQHLLQLTVWGIKQLQARILAVERYLK
DQQKR
;
_entity_poly.pdbx_strand_id   A,B
#
# COMPACT_ATOMS: atom_id res chain seq x y z
N TYR A 3 26.02 7.78 5.35
CA TYR A 3 27.17 8.52 5.86
C TYR A 3 28.19 7.59 6.50
N THR A 4 29.47 7.84 6.21
CA THR A 4 30.56 7.09 6.83
C THR A 4 31.81 7.94 6.79
N SER A 5 32.28 8.37 7.96
CA SER A 5 33.56 9.07 8.05
C SER A 5 34.75 8.11 8.12
N ARG A 6 34.51 6.82 8.29
CA ARG A 6 35.61 5.85 8.32
C ARG A 6 36.28 5.75 6.95
N ILE A 7 35.50 5.82 5.87
CA ILE A 7 36.07 5.77 4.53
C ILE A 7 37.05 6.92 4.34
N GLU A 8 36.69 8.11 4.82
CA GLU A 8 37.60 9.25 4.76
C GLU A 8 38.90 8.94 5.49
N SER A 9 38.81 8.41 6.72
CA SER A 9 40.01 8.09 7.48
C SER A 9 40.85 7.04 6.77
N LEU A 10 40.20 6.08 6.11
CA LEU A 10 40.94 5.07 5.35
C LEU A 10 41.62 5.67 4.13
N ILE A 11 40.97 6.64 3.48
CA ILE A 11 41.57 7.31 2.33
C ILE A 11 42.81 8.09 2.75
N ARG A 12 42.76 8.78 3.89
CA ARG A 12 43.93 9.49 4.37
C ARG A 12 45.03 8.52 4.81
N GLU A 13 44.64 7.36 5.32
CA GLU A 13 45.62 6.38 5.78
C GLU A 13 46.37 5.76 4.61
N ALA A 14 45.66 5.50 3.51
CA ALA A 14 46.33 5.05 2.29
C ALA A 14 47.14 6.18 1.66
N GLN A 15 46.74 7.43 1.89
CA GLN A 15 47.51 8.57 1.40
C GLN A 15 48.87 8.64 2.09
N ASN A 16 48.89 8.50 3.41
CA ASN A 16 50.16 8.51 4.14
C ASN A 16 51.03 7.33 3.74
N GLN A 17 50.43 6.14 3.57
CA GLN A 17 51.21 4.98 3.19
C GLN A 17 51.74 5.10 1.77
N GLN A 18 51.04 5.84 0.91
CA GLN A 18 51.49 6.01 -0.47
C GLN A 18 52.75 6.87 -0.53
N GLU A 19 52.79 7.96 0.23
CA GLU A 19 53.98 8.81 0.27
C GLU A 19 55.17 8.05 0.84
N LYS A 20 54.95 7.27 1.89
CA LYS A 20 56.02 6.48 2.48
C LYS A 20 56.57 5.46 1.49
N ASN A 21 55.71 4.93 0.61
CA ASN A 21 56.19 4.03 -0.43
C ASN A 21 56.91 4.79 -1.52
N GLU A 22 56.38 5.95 -1.91
CA GLU A 22 56.99 6.73 -2.99
C GLU A 22 58.36 7.27 -2.57
N GLN A 23 58.50 7.66 -1.30
CA GLN A 23 59.80 8.14 -0.83
C GLN A 23 60.78 6.99 -0.67
N ALA A 24 60.31 5.84 -0.20
CA ALA A 24 61.16 4.66 -0.09
C ALA A 24 61.58 4.13 -1.46
N LEU A 25 60.86 4.49 -2.51
CA LEU A 25 61.19 4.06 -3.86
C LEU A 25 62.11 5.08 -4.55
N GLN A 35 61.94 -3.33 2.71
CA GLN A 35 60.94 -2.62 3.51
C GLN A 35 59.89 -1.98 2.62
N LEU A 36 60.25 -1.72 1.36
CA LEU A 36 59.26 -1.22 0.42
C LEU A 36 58.17 -2.25 0.16
N LEU A 37 58.54 -3.53 0.13
CA LEU A 37 57.54 -4.59 -0.07
C LEU A 37 56.53 -4.62 1.06
N SER A 38 56.97 -4.36 2.29
CA SER A 38 56.04 -4.32 3.41
C SER A 38 55.09 -3.14 3.31
N GLY A 39 55.61 -1.97 2.89
CA GLY A 39 54.75 -0.81 2.69
C GLY A 39 53.78 -0.99 1.54
N ILE A 40 54.15 -1.77 0.53
CA ILE A 40 53.24 -2.05 -0.58
C ILE A 40 52.15 -3.02 -0.15
N VAL A 41 52.50 -4.04 0.62
CA VAL A 41 51.49 -4.95 1.16
C VAL A 41 50.59 -4.22 2.15
N GLN A 42 51.18 -3.37 3.01
CA GLN A 42 50.38 -2.58 3.93
C GLN A 42 49.46 -1.62 3.20
N GLN A 43 49.93 -1.07 2.08
CA GLN A 43 49.10 -0.18 1.28
C GLN A 43 47.94 -0.94 0.64
N GLN A 44 48.18 -2.17 0.20
CA GLN A 44 47.12 -2.94 -0.43
C GLN A 44 46.04 -3.33 0.58
N ASN A 45 46.41 -3.53 1.85
CA ASN A 45 45.39 -3.77 2.86
C ASN A 45 44.57 -2.52 3.13
N ASN A 46 45.19 -1.34 3.03
CA ASN A 46 44.46 -0.10 3.24
C ASN A 46 43.40 0.11 2.16
N LEU A 47 43.77 -0.12 0.90
CA LEU A 47 42.82 0.04 -0.20
C LEU A 47 41.68 -0.97 -0.08
N LEU A 48 41.98 -2.19 0.36
CA LEU A 48 40.96 -3.21 0.53
C LEU A 48 39.96 -2.81 1.61
N ARG A 49 40.44 -2.28 2.73
CA ARG A 49 39.54 -1.82 3.78
C ARG A 49 38.63 -0.70 3.28
N ALA A 50 39.17 0.20 2.46
CA ALA A 50 38.36 1.29 1.92
C ALA A 50 37.33 0.78 0.92
N ILE A 51 37.71 -0.19 0.10
CA ILE A 51 36.76 -0.79 -0.84
C ILE A 51 35.64 -1.48 -0.08
N GLU A 52 35.98 -2.17 1.01
CA GLU A 52 34.95 -2.80 1.83
C GLU A 52 34.06 -1.76 2.51
N ALA A 53 34.66 -0.67 2.99
CA ALA A 53 33.86 0.37 3.64
C ALA A 53 32.96 1.10 2.65
N GLN A 54 33.41 1.24 1.40
CA GLN A 54 32.56 1.86 0.39
C GLN A 54 31.42 0.92 -0.01
N GLN A 55 31.71 -0.38 -0.10
CA GLN A 55 30.67 -1.34 -0.45
C GLN A 55 29.57 -1.40 0.60
N HIS A 56 29.91 -1.22 1.87
CA HIS A 56 28.88 -1.13 2.90
C HIS A 56 28.01 0.10 2.70
N LEU A 57 28.63 1.25 2.42
CA LEU A 57 27.86 2.46 2.14
C LEU A 57 27.12 2.35 0.82
N LEU A 58 27.76 1.74 -0.19
CA LEU A 58 27.09 1.53 -1.47
C LEU A 58 25.92 0.57 -1.34
N GLN A 59 26.01 -0.37 -0.40
CA GLN A 59 24.89 -1.28 -0.14
C GLN A 59 23.72 -0.54 0.51
N LEU A 60 24.02 0.35 1.45
CA LEU A 60 22.96 1.14 2.09
C LEU A 60 22.25 2.04 1.09
N THR A 61 23.00 2.59 0.13
CA THR A 61 22.37 3.44 -0.87
C THR A 61 21.46 2.64 -1.80
N VAL A 62 21.74 1.35 -1.97
CA VAL A 62 20.86 0.50 -2.78
C VAL A 62 19.55 0.23 -2.04
N TRP A 63 19.64 -0.11 -0.75
CA TRP A 63 18.43 -0.33 0.04
C TRP A 63 17.63 0.96 0.17
N GLY A 64 18.30 2.11 0.26
CA GLY A 64 17.60 3.37 0.38
C GLY A 64 16.88 3.78 -0.89
N ILE A 65 17.42 3.41 -2.05
CA ILE A 65 16.76 3.71 -3.31
C ILE A 65 15.53 2.84 -3.49
N LYS A 66 15.60 1.56 -3.08
CA LYS A 66 14.43 0.69 -3.15
C LYS A 66 13.31 1.19 -2.26
N GLN A 67 13.64 1.68 -1.06
CA GLN A 67 12.62 2.21 -0.16
C GLN A 67 11.91 3.41 -0.80
N LEU A 68 12.67 4.31 -1.41
CA LEU A 68 12.08 5.47 -2.06
C LEU A 68 11.19 5.06 -3.23
N GLN A 69 11.61 4.06 -4.00
CA GLN A 69 10.79 3.59 -5.12
C GLN A 69 9.48 3.00 -4.62
N ALA A 70 9.48 2.38 -3.44
CA ALA A 70 8.23 1.87 -2.87
C ALA A 70 7.38 3.00 -2.32
N ARG A 71 8.02 4.02 -1.72
CA ARG A 71 7.27 5.14 -1.16
C ARG A 71 6.63 5.98 -2.25
N ILE A 72 7.36 6.22 -3.35
CA ILE A 72 6.80 7.03 -4.43
C ILE A 72 5.75 6.25 -5.20
N LEU A 73 5.90 4.93 -5.30
CA LEU A 73 4.88 4.13 -5.98
C LEU A 73 3.60 4.08 -5.16
N ALA A 74 3.71 4.07 -3.83
CA ALA A 74 2.51 4.14 -2.99
C ALA A 74 1.79 5.47 -3.17
N VAL A 75 2.54 6.55 -3.39
CA VAL A 75 1.91 7.84 -3.62
C VAL A 75 1.32 7.92 -5.03
N GLU A 76 2.05 7.40 -6.01
CA GLU A 76 1.53 7.37 -7.38
C GLU A 76 0.24 6.56 -7.47
N ARG A 77 0.18 5.42 -6.78
CA ARG A 77 -1.02 4.61 -6.79
C ARG A 77 -2.14 5.25 -5.98
N TYR A 78 -1.79 6.00 -4.93
CA TYR A 78 -2.80 6.68 -4.14
C TYR A 78 -3.51 7.77 -4.95
N LEU A 79 -2.73 8.60 -5.66
CA LEU A 79 -3.32 9.65 -6.48
C LEU A 79 -4.09 9.09 -7.67
N LYS A 80 -3.81 7.86 -8.08
CA LYS A 80 -4.60 7.24 -9.14
C LYS A 80 -5.89 6.63 -8.59
N ASP A 81 -5.85 6.09 -7.38
CA ASP A 81 -7.05 5.50 -6.78
C ASP A 81 -8.06 6.56 -6.37
N GLN A 82 -7.60 7.79 -6.12
CA GLN A 82 -8.52 8.86 -5.74
C GLN A 82 -9.43 9.27 -6.89
N GLN A 83 -9.10 8.89 -8.12
CA GLN A 83 -9.91 9.25 -9.27
C GLN A 83 -10.89 8.12 -9.58
N ARG B 6 -35.58 -7.55 8.12
CA ARG B 6 -36.56 -6.48 8.21
C ARG B 6 -37.30 -6.28 6.89
N ILE B 7 -36.58 -6.43 5.78
CA ILE B 7 -37.20 -6.29 4.47
C ILE B 7 -38.25 -7.37 4.26
N GLU B 8 -37.97 -8.59 4.74
CA GLU B 8 -38.95 -9.67 4.62
C GLU B 8 -40.18 -9.40 5.47
N SER B 9 -39.98 -8.86 6.68
CA SER B 9 -41.12 -8.52 7.52
C SER B 9 -41.90 -7.35 6.95
N LEU B 10 -41.21 -6.37 6.35
CA LEU B 10 -41.90 -5.29 5.66
C LEU B 10 -42.66 -5.82 4.45
N ILE B 11 -42.08 -6.77 3.73
CA ILE B 11 -42.79 -7.41 2.62
C ILE B 11 -43.97 -8.22 3.13
N ARG B 12 -43.84 -8.82 4.31
CA ARG B 12 -44.93 -9.64 4.86
C ARG B 12 -46.13 -8.78 5.22
N GLU B 13 -45.90 -7.64 5.88
CA GLU B 13 -47.01 -6.75 6.24
C GLU B 13 -47.69 -6.17 5.01
N ALA B 14 -46.93 -5.93 3.93
CA ALA B 14 -47.54 -5.43 2.70
C ALA B 14 -48.29 -6.53 1.96
N GLN B 15 -47.90 -7.78 2.18
CA GLN B 15 -48.67 -8.89 1.60
C GLN B 15 -49.98 -9.11 2.33
N ASN B 16 -49.99 -8.87 3.64
CA ASN B 16 -51.24 -8.98 4.40
C ASN B 16 -52.16 -7.82 4.11
N GLN B 17 -51.62 -6.61 4.02
CA GLN B 17 -52.45 -5.44 3.72
C GLN B 17 -52.97 -5.49 2.28
N GLN B 18 -52.19 -6.04 1.36
CA GLN B 18 -52.67 -6.19 -0.01
C GLN B 18 -53.89 -7.12 -0.06
N GLU B 19 -53.91 -8.14 0.79
CA GLU B 19 -55.06 -9.02 0.85
C GLU B 19 -56.30 -8.28 1.36
N LYS B 20 -56.16 -7.54 2.46
CA LYS B 20 -57.30 -6.83 3.02
C LYS B 20 -57.84 -5.78 2.07
N ASN B 21 -56.99 -5.25 1.18
CA ASN B 21 -57.48 -4.34 0.15
C ASN B 21 -58.24 -5.09 -0.93
N GLU B 22 -57.75 -6.27 -1.32
CA GLU B 22 -58.45 -7.07 -2.31
C GLU B 22 -59.74 -7.66 -1.75
N GLN B 23 -59.79 -7.87 -0.42
CA GLN B 23 -61.02 -8.36 0.20
C GLN B 23 -62.08 -7.27 0.27
N ALA B 24 -61.67 -6.04 0.58
CA ALA B 24 -62.62 -4.93 0.63
C ALA B 24 -63.13 -4.57 -0.75
N LEU B 25 -62.37 -4.86 -1.80
CA LEU B 25 -62.77 -4.55 -3.16
C LEU B 25 -63.86 -5.51 -3.63
N GLN B 35 -63.18 3.24 3.54
CA GLN B 35 -62.35 2.25 4.23
C GLN B 35 -61.27 1.69 3.30
N LEU B 36 -61.66 1.44 2.05
CA LEU B 36 -60.72 0.93 1.06
C LEU B 36 -59.60 1.94 0.79
N LEU B 37 -59.92 3.22 0.80
CA LEU B 37 -58.92 4.25 0.53
C LEU B 37 -57.84 4.26 1.60
N SER B 38 -58.23 4.10 2.87
CA SER B 38 -57.25 4.08 3.95
C SER B 38 -56.32 2.88 3.83
N GLY B 39 -56.86 1.73 3.37
CA GLY B 39 -56.02 0.57 3.18
C GLY B 39 -55.03 0.73 2.04
N ILE B 40 -55.37 1.52 1.03
CA ILE B 40 -54.43 1.76 -0.06
C ILE B 40 -53.35 2.73 0.35
N VAL B 41 -53.73 3.82 1.05
CA VAL B 41 -52.74 4.75 1.56
C VAL B 41 -51.80 4.06 2.54
N GLN B 42 -52.34 3.17 3.36
CA GLN B 42 -51.50 2.39 4.28
C GLN B 42 -50.56 1.47 3.50
N GLN B 43 -51.08 0.81 2.45
CA GLN B 43 -50.24 -0.10 1.67
C GLN B 43 -49.14 0.65 0.93
N GLN B 44 -49.39 1.89 0.52
CA GLN B 44 -48.34 2.68 -0.10
C GLN B 44 -47.24 3.01 0.90
N ASN B 45 -47.58 3.18 2.18
CA ASN B 45 -46.56 3.38 3.20
C ASN B 45 -45.75 2.12 3.43
N ASN B 46 -46.35 0.95 3.20
CA ASN B 46 -45.61 -0.31 3.31
C ASN B 46 -44.64 -0.48 2.15
N LEU B 47 -45.12 -0.29 0.92
CA LEU B 47 -44.26 -0.39 -0.24
C LEU B 47 -43.16 0.67 -0.20
N LEU B 48 -43.47 1.85 0.35
CA LEU B 48 -42.46 2.90 0.52
C LEU B 48 -41.33 2.42 1.43
N ARG B 49 -41.67 2.05 2.66
CA ARG B 49 -40.66 1.64 3.64
C ARG B 49 -39.90 0.40 3.17
N ALA B 50 -40.55 -0.44 2.36
CA ALA B 50 -39.84 -1.60 1.81
C ALA B 50 -38.81 -1.16 0.78
N ILE B 51 -39.13 -0.14 -0.03
CA ILE B 51 -38.16 0.39 -0.97
C ILE B 51 -36.99 1.04 -0.23
N GLU B 52 -37.29 1.76 0.85
CA GLU B 52 -36.23 2.42 1.62
C GLU B 52 -35.36 1.41 2.33
N ALA B 53 -35.95 0.30 2.80
CA ALA B 53 -35.15 -0.75 3.43
C ALA B 53 -34.26 -1.44 2.40
N GLN B 54 -34.77 -1.64 1.18
CA GLN B 54 -33.94 -2.20 0.13
C GLN B 54 -32.84 -1.23 -0.30
N GLN B 55 -33.16 0.07 -0.34
CA GLN B 55 -32.15 1.06 -0.70
C GLN B 55 -31.02 1.09 0.32
N HIS B 56 -31.33 0.84 1.60
CA HIS B 56 -30.27 0.78 2.61
C HIS B 56 -29.40 -0.44 2.40
N LEU B 57 -30.00 -1.60 2.09
CA LEU B 57 -29.21 -2.80 1.86
C LEU B 57 -28.50 -2.74 0.51
N LEU B 58 -29.15 -2.18 -0.51
CA LEU B 58 -28.49 -1.99 -1.79
C LEU B 58 -27.31 -1.04 -1.67
N GLN B 59 -27.43 -0.02 -0.80
CA GLN B 59 -26.34 0.91 -0.58
C GLN B 59 -25.13 0.23 0.06
N LEU B 60 -25.37 -0.75 0.94
CA LEU B 60 -24.27 -1.44 1.59
C LEU B 60 -23.53 -2.35 0.61
N THR B 61 -24.25 -2.96 -0.32
CA THR B 61 -23.59 -3.83 -1.29
C THR B 61 -22.70 -3.05 -2.24
N VAL B 62 -23.05 -1.80 -2.53
CA VAL B 62 -22.20 -0.97 -3.38
C VAL B 62 -20.86 -0.71 -2.70
N TRP B 63 -20.88 -0.52 -1.38
CA TRP B 63 -19.65 -0.30 -0.64
C TRP B 63 -18.85 -1.59 -0.48
N GLY B 64 -19.54 -2.72 -0.30
CA GLY B 64 -18.84 -3.99 -0.20
C GLY B 64 -18.13 -4.36 -1.50
N ILE B 65 -18.74 -4.01 -2.64
CA ILE B 65 -18.09 -4.21 -3.93
C ILE B 65 -16.89 -3.29 -4.08
N LYS B 66 -17.02 -2.04 -3.61
CA LYS B 66 -15.88 -1.12 -3.64
C LYS B 66 -14.76 -1.60 -2.72
N GLN B 67 -15.12 -2.14 -1.55
CA GLN B 67 -14.13 -2.70 -0.65
C GLN B 67 -13.41 -3.89 -1.28
N LEU B 68 -14.16 -4.75 -1.98
CA LEU B 68 -13.54 -5.90 -2.64
C LEU B 68 -12.65 -5.45 -3.80
N GLN B 69 -13.06 -4.43 -4.54
CA GLN B 69 -12.24 -3.93 -5.63
C GLN B 69 -10.90 -3.40 -5.12
N ALA B 70 -10.88 -2.84 -3.91
CA ALA B 70 -9.63 -2.41 -3.31
C ALA B 70 -8.81 -3.59 -2.79
N ARG B 71 -9.47 -4.66 -2.35
CA ARG B 71 -8.75 -5.81 -1.83
C ARG B 71 -8.13 -6.63 -2.96
N ILE B 72 -8.82 -6.74 -4.10
CA ILE B 72 -8.27 -7.47 -5.22
C ILE B 72 -7.20 -6.65 -5.94
N LEU B 73 -7.35 -5.33 -5.97
CA LEU B 73 -6.33 -4.49 -6.60
C LEU B 73 -5.04 -4.50 -5.79
N ALA B 74 -5.15 -4.53 -4.46
CA ALA B 74 -3.96 -4.60 -3.61
C ALA B 74 -3.25 -5.94 -3.78
N VAL B 75 -3.99 -7.01 -4.06
CA VAL B 75 -3.36 -8.30 -4.33
C VAL B 75 -2.77 -8.32 -5.73
N GLU B 76 -3.46 -7.72 -6.71
CA GLU B 76 -2.93 -7.64 -8.06
C GLU B 76 -1.64 -6.83 -8.09
N ARG B 77 -1.57 -5.76 -7.30
CA ARG B 77 -0.35 -4.94 -7.24
C ARG B 77 0.76 -5.62 -6.45
N TYR B 78 0.42 -6.40 -5.43
CA TYR B 78 1.44 -7.15 -4.70
C TYR B 78 2.12 -8.16 -5.61
N LEU B 79 1.35 -8.89 -6.41
CA LEU B 79 1.94 -9.85 -7.35
C LEU B 79 2.73 -9.14 -8.44
N LYS B 80 2.32 -7.94 -8.82
CA LYS B 80 3.08 -7.16 -9.80
C LYS B 80 4.41 -6.69 -9.21
N ASP B 81 4.42 -6.35 -7.91
CA ASP B 81 5.65 -5.89 -7.27
C ASP B 81 6.63 -7.03 -7.03
N GLN B 82 6.14 -8.25 -6.81
CA GLN B 82 7.03 -9.38 -6.61
C GLN B 82 7.84 -9.68 -7.86
N GLN B 83 7.30 -9.35 -9.03
CA GLN B 83 8.03 -9.51 -10.29
C GLN B 83 9.02 -8.36 -10.46
#